data_1URQ
#
_entry.id   1URQ
#
_cell.length_a   126.054
_cell.length_b   35.602
_cell.length_c   93.541
_cell.angle_alpha   90.00
_cell.angle_beta   132.38
_cell.angle_gamma   90.00
#
_symmetry.space_group_name_H-M   'C 1 2 1'
#
loop_
_entity.id
_entity.type
_entity.pdbx_description
1 polymer 'M-TOMOSYN ISOFORM'
2 polymer 'SYNTAXIN 1A'
3 polymer 'SYNAPTOSOMAL-ASSOCIATED PROTEIN 25'
4 polymer 'SYNAPTOSOMAL-ASSOCIATED PROTEIN 25'
5 water water
#
loop_
_entity_poly.entity_id
_entity_poly.type
_entity_poly.pdbx_seq_one_letter_code
_entity_poly.pdbx_strand_id
1 'polypeptide(L)' GSHGGIEGVKGAASGVVGELARARLALDERGQKLSDLEERTAAMMSSADSFSKHAHEMMLKYK A
2 'polypeptide(L)' GSHSKQALSEIETRHSEIIKLENSIRELHDMFMDMAMLVESQGEMIDRIEYNVEHAVDYVERAVSDTKKAVKYQS B
3 'polypeptide(L)' GSHMRNELEEMQRRADQLADESLESTRRMLQLVEESKDAGIRTLVMLDEQGEQLDRVEEGMNHINQDMKEAEKNLKDLGK C
4 'polypeptide(L)' GSHMASRENEMDENLEQVSGIIGNLRHMALDMGNEIDTQNRQIDRIMEKADSNKTRIDEANQRATKMLG D
#
# COMPACT_ATOMS: atom_id res chain seq x y z
CA GLY A 5 -33.57 11.06 9.86
C GLY A 5 -32.87 9.73 9.56
N ILE A 6 -33.57 8.62 9.75
CA ILE A 6 -33.00 7.31 9.47
C ILE A 6 -32.63 7.20 7.98
N GLU A 7 -33.46 7.76 7.11
CA GLU A 7 -33.19 7.77 5.66
C GLU A 7 -31.95 8.59 5.31
N GLY A 8 -31.74 9.72 5.98
CA GLY A 8 -30.56 10.54 5.72
C GLY A 8 -29.25 9.82 6.05
N VAL A 9 -29.24 9.13 7.20
CA VAL A 9 -28.07 8.37 7.64
C VAL A 9 -27.81 7.20 6.73
N LYS A 10 -28.88 6.52 6.29
CA LYS A 10 -28.76 5.40 5.36
C LYS A 10 -28.16 5.84 4.02
N GLY A 11 -28.59 7.01 3.56
CA GLY A 11 -28.01 7.66 2.40
C GLY A 11 -26.54 8.00 2.55
N ALA A 12 -26.14 8.52 3.71
CA ALA A 12 -24.74 8.84 3.96
C ALA A 12 -23.90 7.55 4.02
N ALA A 13 -24.44 6.50 4.60
CA ALA A 13 -23.72 5.22 4.68
C ALA A 13 -23.50 4.66 3.27
N SER A 14 -24.57 4.61 2.48
CA SER A 14 -24.50 4.19 1.08
C SER A 14 -23.47 4.96 0.31
N GLY A 15 -23.45 6.28 0.51
CA GLY A 15 -22.47 7.15 -0.11
C GLY A 15 -21.04 6.71 0.17
N VAL A 16 -20.75 6.45 1.45
CA VAL A 16 -19.42 6.00 1.85
C VAL A 16 -19.06 4.64 1.29
N VAL A 17 -20.02 3.72 1.26
CA VAL A 17 -19.81 2.40 0.69
C VAL A 17 -19.34 2.51 -0.77
N GLY A 18 -19.94 3.41 -1.52
CA GLY A 18 -19.60 3.65 -2.91
C GLY A 18 -18.21 4.23 -3.10
N GLU A 19 -17.86 5.23 -2.30
CA GLU A 19 -16.55 5.85 -2.36
C GLU A 19 -15.46 4.87 -1.93
N LEU A 20 -15.73 4.07 -0.90
CA LEU A 20 -14.76 3.10 -0.42
C LEU A 20 -14.58 1.96 -1.43
N ALA A 21 -15.66 1.60 -2.13
CA ALA A 21 -15.60 0.55 -3.16
C ALA A 21 -14.65 0.97 -4.28
N ARG A 22 -14.70 2.24 -4.66
CA ARG A 22 -13.73 2.77 -5.61
C ARG A 22 -12.28 2.63 -5.13
N ALA A 23 -12.03 3.00 -3.88
CA ALA A 23 -10.71 2.80 -3.26
C ALA A 23 -10.29 1.31 -3.19
N ARG A 24 -11.25 0.42 -2.94
CA ARG A 24 -11.01 -1.04 -2.89
C ARG A 24 -10.55 -1.55 -4.23
N LEU A 25 -11.21 -1.08 -5.29
CA LEU A 25 -10.85 -1.46 -6.64
C LEU A 25 -9.40 -0.99 -6.95
N ALA A 26 -9.08 0.25 -6.60
CA ALA A 26 -7.72 0.72 -6.72
C ALA A 26 -6.71 -0.10 -5.87
N LEU A 27 -7.12 -0.57 -4.70
CA LEU A 27 -6.24 -1.35 -3.82
C LEU A 27 -5.95 -2.77 -4.40
N ASP A 28 -6.95 -3.36 -5.03
CA ASP A 28 -6.79 -4.56 -5.86
C ASP A 28 -5.77 -4.40 -6.98
N GLU A 29 -5.83 -3.29 -7.68
CA GLU A 29 -4.83 -3.00 -8.72
C GLU A 29 -3.43 -2.87 -8.08
N ARG A 30 -3.34 -2.21 -6.93
CA ARG A 30 -2.05 -2.02 -6.27
C ARG A 30 -1.44 -3.35 -5.89
N GLY A 31 -2.26 -4.28 -5.43
CA GLY A 31 -1.81 -5.63 -5.11
C GLY A 31 -1.23 -6.37 -6.33
N GLN A 32 -1.93 -6.29 -7.46
CA GLN A 32 -1.48 -6.88 -8.74
C GLN A 32 -0.17 -6.25 -9.20
N LYS A 33 -0.09 -4.91 -9.14
CA LYS A 33 1.14 -4.20 -9.46
C LYS A 33 2.30 -4.57 -8.52
N LEU A 34 2.02 -4.69 -7.22
CA LEU A 34 3.05 -5.07 -6.26
C LEU A 34 3.61 -6.50 -6.52
N SER A 35 2.74 -7.45 -6.90
CA SER A 35 3.17 -8.82 -7.15
C SER A 35 4.12 -8.85 -8.37
N ASP A 36 3.74 -8.11 -9.39
CA ASP A 36 4.56 -7.87 -10.58
C ASP A 36 5.91 -7.21 -10.19
N LEU A 37 5.85 -6.14 -9.39
CA LEU A 37 7.08 -5.46 -8.95
C LEU A 37 8.02 -6.40 -8.13
N GLU A 38 7.46 -7.27 -7.31
CA GLU A 38 8.27 -8.20 -6.53
C GLU A 38 9.09 -9.11 -7.46
N GLU A 39 8.46 -9.60 -8.50
CA GLU A 39 9.12 -10.44 -9.50
C GLU A 39 10.23 -9.68 -10.23
N ARG A 40 9.89 -8.46 -10.68
CA ARG A 40 10.86 -7.62 -11.39
C ARG A 40 12.07 -7.24 -10.55
N THR A 41 11.85 -6.93 -9.27
CA THR A 41 12.96 -6.55 -8.39
C THR A 41 13.78 -7.77 -8.00
N ALA A 42 13.14 -8.94 -7.89
CA ALA A 42 13.89 -10.17 -7.59
C ALA A 42 14.86 -10.50 -8.74
N ALA A 43 14.42 -10.26 -9.97
CA ALA A 43 15.21 -10.48 -11.17
C ALA A 43 16.33 -9.43 -11.26
N MET A 44 15.99 -8.17 -11.02
CA MET A 44 17.00 -7.11 -10.98
C MET A 44 18.10 -7.40 -9.95
N MET A 45 17.68 -7.79 -8.74
CA MET A 45 18.61 -8.20 -7.70
C MET A 45 19.57 -9.35 -8.13
N SER A 46 19.05 -10.39 -8.74
CA SER A 46 19.85 -11.50 -9.22
C SER A 46 20.93 -11.01 -10.19
N SER A 47 20.56 -10.16 -11.12
CA SER A 47 21.52 -9.61 -12.10
C SER A 47 22.64 -8.80 -11.41
N ALA A 48 22.21 -7.95 -10.46
CA ALA A 48 23.14 -7.14 -9.68
C ALA A 48 24.11 -8.01 -8.90
N ASP A 49 23.62 -9.13 -8.37
CA ASP A 49 24.40 -10.06 -7.57
C ASP A 49 25.52 -10.65 -8.47
N SER A 50 25.13 -11.12 -9.65
CA SER A 50 26.07 -11.68 -10.64
C SER A 50 27.09 -10.64 -11.14
N PHE A 51 26.63 -9.43 -11.46
CA PHE A 51 27.54 -8.38 -11.89
C PHE A 51 28.58 -8.09 -10.80
N SER A 52 28.13 -8.00 -9.55
CA SER A 52 29.04 -7.75 -8.43
C SER A 52 30.13 -8.84 -8.29
N LYS A 53 29.76 -10.09 -8.51
CA LYS A 53 30.71 -11.23 -8.43
C LYS A 53 31.77 -11.10 -9.49
N HIS A 54 31.33 -10.72 -10.67
CA HIS A 54 32.24 -10.61 -11.78
C HIS A 54 33.15 -9.40 -11.67
N ALA A 55 32.63 -8.26 -11.25
CA ALA A 55 33.45 -7.09 -10.96
C ALA A 55 34.51 -7.36 -9.87
N HIS A 56 34.13 -8.11 -8.84
CA HIS A 56 35.03 -8.50 -7.77
C HIS A 56 36.17 -9.41 -8.27
N GLU A 57 35.82 -10.40 -9.09
CA GLU A 57 36.81 -11.30 -9.67
C GLU A 57 37.81 -10.53 -10.55
N MET A 58 37.28 -9.59 -11.33
CA MET A 58 38.05 -8.67 -12.16
C MET A 58 39.06 -7.82 -11.38
N MET A 59 38.59 -7.23 -10.30
CA MET A 59 39.45 -6.41 -9.45
C MET A 59 40.62 -7.23 -8.89
N LEU A 60 40.35 -8.47 -8.49
CA LEU A 60 41.36 -9.31 -7.87
C LEU A 60 42.45 -9.81 -8.83
N LYS A 61 42.22 -9.77 -10.14
CA LYS A 61 43.28 -10.10 -11.12
C LYS A 61 44.43 -9.07 -11.26
N TYR A 62 44.17 -7.80 -10.92
CA TYR A 62 45.19 -6.75 -10.99
C TYR A 62 45.59 -6.28 -9.61
N GLU B 12 -43.96 -1.32 14.18
CA GLU B 12 -43.07 -2.23 13.41
C GLU B 12 -42.23 -1.51 12.35
N THR B 13 -42.59 -0.25 12.06
CA THR B 13 -42.07 0.48 10.91
C THR B 13 -40.69 1.06 11.17
N ARG B 14 -40.56 1.79 12.28
CA ARG B 14 -39.28 2.32 12.71
C ARG B 14 -38.29 1.20 12.94
N HIS B 15 -38.78 0.08 13.47
CA HIS B 15 -37.95 -1.10 13.69
C HIS B 15 -37.41 -1.65 12.37
N SER B 16 -38.26 -1.71 11.35
CA SER B 16 -37.83 -2.27 10.06
C SER B 16 -36.84 -1.34 9.36
N GLU B 17 -37.06 -0.03 9.44
CA GLU B 17 -36.15 0.95 8.86
C GLU B 17 -34.79 1.03 9.59
N ILE B 18 -34.82 0.87 10.91
CA ILE B 18 -33.60 0.87 11.71
C ILE B 18 -32.76 -0.32 11.27
N ILE B 19 -33.41 -1.48 11.09
CA ILE B 19 -32.76 -2.69 10.60
C ILE B 19 -32.16 -2.52 9.17
N LYS B 20 -32.86 -1.83 8.28
CA LYS B 20 -32.32 -1.52 6.95
C LYS B 20 -31.03 -0.72 7.08
N LEU B 21 -31.02 0.22 8.03
CA LEU B 21 -29.85 1.03 8.28
C LEU B 21 -28.68 0.21 8.85
N GLU B 22 -28.98 -0.66 9.82
CA GLU B 22 -27.94 -1.52 10.36
C GLU B 22 -27.28 -2.38 9.27
N ASN B 23 -28.07 -2.86 8.32
CA ASN B 23 -27.53 -3.69 7.25
C ASN B 23 -26.52 -2.92 6.41
N SER B 24 -26.84 -1.66 6.09
CA SER B 24 -25.92 -0.83 5.32
C SER B 24 -24.64 -0.59 6.11
N ILE B 25 -24.76 -0.39 7.42
CA ILE B 25 -23.60 -0.04 8.25
C ILE B 25 -22.69 -1.26 8.42
N ARG B 26 -23.28 -2.44 8.47
CA ARG B 26 -22.51 -3.69 8.49
C ARG B 26 -21.73 -3.90 7.19
N GLU B 27 -22.36 -3.64 6.03
CA GLU B 27 -21.63 -3.67 4.76
C GLU B 27 -20.41 -2.72 4.80
N LEU B 28 -20.63 -1.51 5.31
CA LEU B 28 -19.61 -0.48 5.33
C LEU B 28 -18.47 -0.94 6.23
N HIS B 29 -18.82 -1.36 7.44
CA HIS B 29 -17.86 -1.91 8.39
C HIS B 29 -17.02 -3.04 7.80
N ASP B 30 -17.66 -4.02 7.15
CA ASP B 30 -16.94 -5.17 6.64
C ASP B 30 -15.97 -4.75 5.53
N MET B 31 -16.32 -3.75 4.73
CA MET B 31 -15.40 -3.23 3.71
C MET B 31 -14.20 -2.56 4.35
N PHE B 32 -14.40 -1.81 5.43
CA PHE B 32 -13.29 -1.18 6.15
C PHE B 32 -12.35 -2.23 6.74
N MET B 33 -12.93 -3.28 7.31
CA MET B 33 -12.14 -4.37 7.87
C MET B 33 -11.34 -5.07 6.79
N ASP B 34 -11.94 -5.30 5.64
CA ASP B 34 -11.24 -5.93 4.53
C ASP B 34 -10.13 -5.04 4.02
N MET B 35 -10.38 -3.73 3.91
CA MET B 35 -9.37 -2.77 3.45
C MET B 35 -8.17 -2.84 4.36
N ALA B 36 -8.38 -2.85 5.69
CA ALA B 36 -7.25 -2.91 6.62
C ALA B 36 -6.43 -4.20 6.46
N MET B 37 -7.09 -5.33 6.26
CA MET B 37 -6.37 -6.59 6.12
C MET B 37 -5.57 -6.63 4.85
N LEU B 38 -6.14 -6.19 3.73
CA LEU B 38 -5.43 -6.20 2.48
C LEU B 38 -4.22 -5.26 2.49
N VAL B 39 -4.38 -4.05 3.06
CA VAL B 39 -3.24 -3.13 3.16
C VAL B 39 -2.11 -3.74 4.01
N GLU B 40 -2.46 -4.41 5.11
CA GLU B 40 -1.45 -5.08 5.93
C GLU B 40 -0.69 -6.16 5.15
N SER B 41 -1.41 -6.98 4.38
CA SER B 41 -0.78 -8.07 3.57
C SER B 41 0.10 -7.52 2.52
N GLN B 42 -0.40 -6.51 1.84
CA GLN B 42 0.39 -5.87 0.79
C GLN B 42 1.65 -5.25 1.37
N GLY B 43 1.59 -4.79 2.62
CA GLY B 43 2.73 -4.20 3.29
C GLY B 43 3.87 -5.21 3.46
N GLU B 44 3.52 -6.48 3.66
CA GLU B 44 4.49 -7.55 3.75
C GLU B 44 5.23 -7.73 2.42
N MET B 45 4.51 -7.59 1.31
CA MET B 45 5.14 -7.65 0.01
C MET B 45 6.07 -6.46 -0.23
N ILE B 46 5.64 -5.27 0.19
CA ILE B 46 6.48 -4.09 0.06
C ILE B 46 7.77 -4.26 0.90
N ASP B 47 7.69 -4.84 2.10
CA ASP B 47 8.86 -5.17 2.91
C ASP B 47 9.85 -6.00 2.10
N ARG B 48 9.36 -7.02 1.39
CA ARG B 48 10.23 -7.89 0.60
C ARG B 48 10.80 -7.18 -0.65
N ILE B 49 10.01 -6.36 -1.34
CA ILE B 49 10.50 -5.54 -2.47
C ILE B 49 11.62 -4.62 -1.97
N GLU B 50 11.41 -3.98 -0.82
CA GLU B 50 12.37 -3.05 -0.28
C GLU B 50 13.67 -3.78 0.08
N TYR B 51 13.56 -5.00 0.60
CA TYR B 51 14.73 -5.81 0.95
C TYR B 51 15.53 -6.14 -0.31
N ASN B 52 14.84 -6.59 -1.35
CA ASN B 52 15.50 -6.88 -2.62
C ASN B 52 16.21 -5.66 -3.20
N VAL B 53 15.55 -4.50 -3.13
CA VAL B 53 16.11 -3.27 -3.66
C VAL B 53 17.35 -2.85 -2.85
N GLU B 54 17.32 -2.96 -1.53
CA GLU B 54 18.46 -2.56 -0.69
C GLU B 54 19.67 -3.45 -1.03
N HIS B 55 19.43 -4.75 -1.21
CA HIS B 55 20.52 -5.64 -1.55
C HIS B 55 21.03 -5.41 -3.00
N ALA B 56 20.14 -5.03 -3.92
CA ALA B 56 20.52 -4.70 -5.30
C ALA B 56 21.38 -3.45 -5.34
N VAL B 57 20.97 -2.44 -4.58
CA VAL B 57 21.75 -1.22 -4.48
C VAL B 57 23.17 -1.53 -3.97
N ASP B 58 23.26 -2.34 -2.93
CA ASP B 58 24.52 -2.71 -2.33
C ASP B 58 25.41 -3.45 -3.35
N TYR B 59 24.85 -4.41 -4.06
CA TYR B 59 25.61 -5.16 -5.07
C TYR B 59 26.16 -4.23 -6.16
N VAL B 60 25.34 -3.27 -6.59
CA VAL B 60 25.75 -2.33 -7.64
C VAL B 60 26.81 -1.37 -7.11
N GLU B 61 26.68 -0.92 -5.86
CA GLU B 61 27.69 -0.05 -5.25
C GLU B 61 29.00 -0.78 -5.16
N ARG B 62 28.98 -2.06 -4.77
CA ARG B 62 30.18 -2.87 -4.66
C ARG B 62 30.84 -3.03 -6.04
N ALA B 63 30.00 -3.18 -7.07
CA ALA B 63 30.47 -3.37 -8.42
C ALA B 63 31.17 -2.12 -8.95
N VAL B 64 30.57 -0.95 -8.73
CA VAL B 64 31.20 0.33 -9.07
C VAL B 64 32.55 0.50 -8.36
N SER B 65 32.58 0.16 -7.07
CA SER B 65 33.78 0.28 -6.27
C SER B 65 34.90 -0.65 -6.77
N ASP B 66 34.53 -1.90 -7.07
CA ASP B 66 35.49 -2.86 -7.58
C ASP B 66 36.01 -2.57 -9.00
N THR B 67 35.16 -2.08 -9.89
CA THR B 67 35.66 -1.65 -11.20
C THR B 67 36.55 -0.41 -11.10
N LYS B 68 36.25 0.47 -10.16
CA LYS B 68 37.09 1.64 -9.87
C LYS B 68 38.45 1.20 -9.37
N LYS B 69 38.48 0.18 -8.52
CA LYS B 69 39.74 -0.34 -7.98
C LYS B 69 40.58 -1.03 -9.08
N ALA B 70 39.91 -1.77 -9.97
CA ALA B 70 40.59 -2.43 -11.08
C ALA B 70 41.28 -1.41 -11.98
N VAL B 71 40.63 -0.25 -12.17
CA VAL B 71 41.23 0.84 -12.92
C VAL B 71 42.46 1.38 -12.16
N LYS B 72 42.33 1.54 -10.84
CA LYS B 72 43.45 1.94 -9.99
C LYS B 72 44.62 0.97 -10.13
N TYR B 73 44.32 -0.33 -10.21
CA TYR B 73 45.34 -1.36 -10.12
C TYR B 73 45.94 -1.70 -11.49
N GLN B 74 45.43 -1.05 -12.54
CA GLN B 74 45.99 -1.17 -13.90
C GLN B 74 47.35 -0.45 -14.00
N SER B 75 47.48 0.76 -13.46
CA SER B 75 48.78 1.44 -13.46
N ARG C 13 -45.99 -3.79 24.50
CA ARG C 13 -46.16 -5.27 24.60
C ARG C 13 -45.35 -5.96 23.51
N ARG C 14 -45.87 -5.96 22.27
CA ARG C 14 -45.05 -6.27 21.11
C ARG C 14 -44.23 -5.02 20.83
N ALA C 15 -44.86 -3.86 21.02
CA ALA C 15 -44.23 -2.55 20.85
C ALA C 15 -43.00 -2.34 21.74
N ASP C 16 -42.95 -3.03 22.89
CA ASP C 16 -41.80 -2.94 23.80
C ASP C 16 -40.68 -3.85 23.36
N GLN C 17 -41.03 -5.02 22.85
CA GLN C 17 -40.07 -5.98 22.30
C GLN C 17 -39.37 -5.38 21.07
N LEU C 18 -40.12 -4.62 20.28
CA LEU C 18 -39.62 -4.02 19.05
C LEU C 18 -38.77 -2.78 19.34
N ALA C 19 -39.21 -1.95 20.27
CA ALA C 19 -38.46 -0.78 20.69
C ALA C 19 -37.13 -1.19 21.32
N ASP C 20 -37.12 -2.34 22.00
CA ASP C 20 -35.90 -2.90 22.57
C ASP C 20 -34.96 -3.39 21.48
N GLU C 21 -35.51 -4.06 20.46
CA GLU C 21 -34.72 -4.58 19.33
C GLU C 21 -34.11 -3.41 18.53
N SER C 22 -34.86 -2.32 18.39
CA SER C 22 -34.40 -1.11 17.71
C SER C 22 -33.27 -0.46 18.48
N LEU C 23 -33.40 -0.39 19.81
CA LEU C 23 -32.37 0.23 20.64
C LEU C 23 -31.08 -0.55 20.48
N GLU C 24 -31.18 -1.88 20.59
CA GLU C 24 -30.04 -2.74 20.51
C GLU C 24 -29.39 -2.68 19.12
N SER C 25 -30.20 -2.48 18.08
CA SER C 25 -29.68 -2.27 16.74
C SER C 25 -28.81 -1.02 16.72
N THR C 26 -29.27 0.08 17.31
CA THR C 26 -28.48 1.31 17.30
C THR C 26 -27.17 1.15 18.08
N ARG C 27 -27.16 0.25 19.08
CA ARG C 27 -25.94 0.01 19.84
C ARG C 27 -24.95 -0.75 19.02
N ARG C 28 -25.44 -1.73 18.27
CA ARG C 28 -24.62 -2.51 17.36
C ARG C 28 -24.05 -1.59 16.26
N MET C 29 -24.87 -0.67 15.74
CA MET C 29 -24.42 0.30 14.73
C MET C 29 -23.27 1.13 15.26
N LEU C 30 -23.40 1.60 16.49
CA LEU C 30 -22.38 2.44 17.07
C LEU C 30 -21.07 1.67 17.19
N GLN C 31 -21.12 0.43 17.68
CA GLN C 31 -19.96 -0.42 17.74
C GLN C 31 -19.33 -0.65 16.35
N LEU C 32 -20.18 -0.85 15.34
CA LEU C 32 -19.69 -1.14 14.01
C LEU C 32 -18.92 0.08 13.45
N VAL C 33 -19.46 1.27 13.61
CA VAL C 33 -18.80 2.45 13.02
C VAL C 33 -17.55 2.83 13.82
N GLU C 34 -17.52 2.53 15.13
CA GLU C 34 -16.33 2.79 15.95
C GLU C 34 -15.19 1.88 15.58
N GLU C 35 -15.50 0.60 15.38
CA GLU C 35 -14.52 -0.35 14.85
C GLU C 35 -14.04 0.03 13.45
N SER C 36 -14.96 0.54 12.63
CA SER C 36 -14.64 0.96 11.27
C SER C 36 -13.67 2.17 11.35
N LYS C 37 -13.92 3.08 12.29
CA LYS C 37 -13.07 4.24 12.49
C LYS C 37 -11.63 3.83 12.90
N ASP C 38 -11.50 2.86 13.80
CA ASP C 38 -10.20 2.38 14.24
C ASP C 38 -9.48 1.71 13.07
N ALA C 39 -10.20 0.94 12.27
CA ALA C 39 -9.59 0.27 11.13
C ALA C 39 -9.14 1.27 10.05
N GLY C 40 -9.95 2.29 9.82
CA GLY C 40 -9.62 3.34 8.86
C GLY C 40 -8.36 4.11 9.24
N ILE C 41 -8.23 4.44 10.52
CA ILE C 41 -7.06 5.19 11.00
C ILE C 41 -5.80 4.31 10.88
N ARG C 42 -5.90 3.04 11.24
CA ARG C 42 -4.74 2.15 11.13
C ARG C 42 -4.33 1.92 9.68
N THR C 43 -5.33 1.92 8.79
CA THR C 43 -5.12 1.72 7.37
C THR C 43 -4.37 2.90 6.80
N LEU C 44 -4.78 4.11 7.18
CA LEU C 44 -4.15 5.32 6.69
C LEU C 44 -2.72 5.42 7.22
N VAL C 45 -2.47 4.97 8.46
CA VAL C 45 -1.11 4.97 9.03
C VAL C 45 -0.21 3.99 8.24
N MET C 46 -0.73 2.80 7.96
CA MET C 46 -0.03 1.84 7.11
C MET C 46 0.23 2.33 5.72
N LEU C 47 -0.75 2.98 5.08
CA LEU C 47 -0.55 3.47 3.72
C LEU C 47 0.54 4.54 3.69
N ASP C 48 0.61 5.35 4.74
CA ASP C 48 1.62 6.40 4.86
C ASP C 48 3.00 5.79 5.01
N GLU C 49 3.14 4.79 5.89
CA GLU C 49 4.43 4.12 6.10
C GLU C 49 4.87 3.38 4.84
N GLN C 50 3.93 2.70 4.18
CA GLN C 50 4.18 1.99 2.93
C GLN C 50 4.57 2.94 1.81
N GLY C 51 3.95 4.13 1.80
CA GLY C 51 4.33 5.19 0.89
C GLY C 51 5.78 5.65 1.05
N GLU C 52 6.26 5.76 2.28
CA GLU C 52 7.66 6.13 2.50
C GLU C 52 8.59 4.98 2.07
N GLN C 53 8.14 3.72 2.24
CA GLN C 53 8.92 2.59 1.71
C GLN C 53 9.03 2.65 0.21
N LEU C 54 7.94 3.00 -0.48
CA LEU C 54 7.99 3.11 -1.95
C LEU C 54 8.91 4.24 -2.41
N ASP C 55 8.91 5.34 -1.66
CA ASP C 55 9.83 6.46 -1.93
C ASP C 55 11.27 5.98 -1.82
N ARG C 56 11.56 5.20 -0.78
CA ARG C 56 12.90 4.61 -0.65
C ARG C 56 13.24 3.64 -1.79
N VAL C 57 12.26 2.85 -2.22
CA VAL C 57 12.47 1.89 -3.29
C VAL C 57 12.80 2.65 -4.59
N GLU C 58 12.04 3.70 -4.90
CA GLU C 58 12.28 4.50 -6.09
C GLU C 58 13.68 5.17 -6.05
N GLU C 59 14.04 5.67 -4.87
CA GLU C 59 15.34 6.27 -4.64
C GLU C 59 16.44 5.27 -4.98
N GLY C 60 16.28 4.05 -4.48
CA GLY C 60 17.15 2.94 -4.82
C GLY C 60 17.30 2.69 -6.31
N MET C 61 16.18 2.64 -7.03
CA MET C 61 16.20 2.46 -8.50
C MET C 61 17.03 3.55 -9.18
N ASN C 62 16.88 4.78 -8.72
CA ASN C 62 17.53 5.93 -9.33
C ASN C 62 19.04 5.86 -9.05
N HIS C 63 19.37 5.46 -7.83
CA HIS C 63 20.75 5.31 -7.41
C HIS C 63 21.49 4.23 -8.23
N ILE C 64 20.85 3.08 -8.43
CA ILE C 64 21.39 2.04 -9.29
C ILE C 64 21.67 2.57 -10.70
N ASN C 65 20.74 3.32 -11.26
CA ASN C 65 20.89 3.81 -12.61
C ASN C 65 22.12 4.72 -12.70
N GLN C 66 22.25 5.62 -11.74
CA GLN C 66 23.38 6.54 -11.67
C GLN C 66 24.71 5.82 -11.42
N ASP C 67 24.73 4.87 -10.48
CA ASP C 67 25.92 4.02 -10.28
C ASP C 67 26.35 3.31 -11.57
N MET C 68 25.39 2.81 -12.34
CA MET C 68 25.69 2.05 -13.56
C MET C 68 26.41 2.92 -14.59
N LYS C 69 26.10 4.21 -14.61
CA LYS C 69 26.87 5.15 -15.45
C LYS C 69 28.36 5.13 -15.08
N GLU C 70 28.64 5.13 -13.79
CA GLU C 70 30.01 5.08 -13.30
C GLU C 70 30.69 3.75 -13.61
N ALA C 71 29.99 2.63 -13.39
CA ALA C 71 30.48 1.30 -13.73
C ALA C 71 30.86 1.19 -15.21
N GLU C 72 29.99 1.72 -16.08
CA GLU C 72 30.20 1.68 -17.53
C GLU C 72 31.46 2.45 -17.94
N LYS C 73 31.63 3.66 -17.38
CA LYS C 73 32.83 4.45 -17.55
C LYS C 73 34.09 3.71 -17.09
N ASN C 74 34.00 3.02 -15.96
CA ASN C 74 35.14 2.25 -15.45
C ASN C 74 35.51 1.09 -16.36
N LEU C 75 34.51 0.37 -16.87
CA LEU C 75 34.77 -0.73 -17.78
C LEU C 75 35.44 -0.22 -19.07
N LYS C 76 35.06 0.99 -19.51
CA LYS C 76 35.67 1.61 -20.69
C LYS C 76 37.13 2.03 -20.43
N ASP C 77 37.42 2.47 -19.20
CA ASP C 77 38.79 2.78 -18.80
C ASP C 77 39.66 1.51 -18.68
N LEU C 78 39.00 0.34 -18.56
CA LEU C 78 39.68 -0.96 -18.53
C LEU C 78 39.87 -1.56 -19.93
N GLY C 79 39.42 -0.86 -20.96
CA GLY C 79 39.47 -1.34 -22.34
C GLY C 79 38.41 -2.40 -22.62
N LYS C 80 37.33 -2.39 -21.84
CA LYS C 80 36.29 -3.43 -21.94
C LYS C 80 34.97 -2.89 -22.50
N MET D 4 -39.97 11.51 24.83
CA MET D 4 -39.51 11.49 26.24
C MET D 4 -39.44 10.05 26.73
N ALA D 5 -38.27 9.66 27.26
CA ALA D 5 -37.99 8.31 27.77
C ALA D 5 -36.55 7.99 27.49
N SER D 6 -35.93 7.20 28.37
CA SER D 6 -34.52 6.85 28.27
C SER D 6 -34.19 5.96 27.07
N ARG D 7 -35.15 5.14 26.64
CA ARG D 7 -34.97 4.25 25.49
C ARG D 7 -34.92 5.06 24.18
N GLU D 8 -35.89 5.94 23.99
CA GLU D 8 -35.98 6.78 22.80
C GLU D 8 -34.82 7.76 22.76
N ASN D 9 -34.40 8.20 23.94
CA ASN D 9 -33.28 9.12 24.07
C ASN D 9 -31.93 8.48 23.71
N GLU D 10 -31.68 7.25 24.18
CA GLU D 10 -30.44 6.56 23.84
C GLU D 10 -30.41 6.22 22.34
N MET D 11 -31.54 5.80 21.79
CA MET D 11 -31.67 5.50 20.36
C MET D 11 -31.25 6.69 19.51
N ASP D 12 -31.81 7.86 19.85
CA ASP D 12 -31.53 9.09 19.14
C ASP D 12 -30.07 9.55 19.29
N GLU D 13 -29.52 9.44 20.50
CA GLU D 13 -28.13 9.80 20.75
C GLU D 13 -27.16 8.85 20.02
N ASN D 14 -27.52 7.58 20.01
CA ASN D 14 -26.74 6.57 19.31
C ASN D 14 -26.70 6.94 17.79
N LEU D 15 -27.84 7.31 17.22
CA LEU D 15 -27.95 7.61 15.79
C LEU D 15 -27.22 8.90 15.38
N GLU D 16 -27.19 9.88 16.29
CA GLU D 16 -26.44 11.11 16.09
C GLU D 16 -24.94 10.84 16.12
N GLN D 17 -24.49 10.04 17.07
CA GLN D 17 -23.08 9.65 17.16
C GLN D 17 -22.67 8.88 15.88
N VAL D 18 -23.53 7.97 15.42
CA VAL D 18 -23.31 7.17 14.22
C VAL D 18 -23.19 8.11 13.00
N SER D 19 -24.14 9.01 12.85
CA SER D 19 -24.15 10.00 11.77
C SER D 19 -22.84 10.79 11.70
N GLY D 20 -22.40 11.29 12.85
CA GLY D 20 -21.14 12.01 12.98
C GLY D 20 -19.93 11.20 12.57
N ILE D 21 -19.84 9.95 13.05
CA ILE D 21 -18.71 9.09 12.73
C ILE D 21 -18.70 8.74 11.22
N ILE D 22 -19.86 8.54 10.63
CA ILE D 22 -19.92 8.24 9.21
C ILE D 22 -19.27 9.39 8.37
N GLY D 23 -19.49 10.64 8.78
CA GLY D 23 -18.85 11.80 8.14
C GLY D 23 -17.34 11.67 8.16
N ASN D 24 -16.79 11.27 9.32
CA ASN D 24 -15.36 10.99 9.44
C ASN D 24 -14.90 9.83 8.53
N LEU D 25 -15.69 8.75 8.53
CA LEU D 25 -15.42 7.58 7.67
C LEU D 25 -15.37 7.99 6.20
N ARG D 26 -16.27 8.88 5.79
CA ARG D 26 -16.26 9.41 4.43
C ARG D 26 -14.94 10.10 4.09
N HIS D 27 -14.44 10.93 5.01
CA HIS D 27 -13.19 11.68 4.87
C HIS D 27 -12.01 10.66 4.73
N MET D 28 -12.05 9.60 5.52
CA MET D 28 -11.00 8.59 5.43
C MET D 28 -11.00 7.85 4.09
N ALA D 29 -12.19 7.53 3.57
CA ALA D 29 -12.31 6.84 2.30
C ALA D 29 -11.73 7.74 1.19
N LEU D 30 -11.93 9.05 1.30
CA LEU D 30 -11.34 9.98 0.32
C LEU D 30 -9.82 9.95 0.34
N ASP D 31 -9.23 10.03 1.52
CA ASP D 31 -7.78 10.05 1.66
C ASP D 31 -7.17 8.71 1.21
N MET D 32 -7.86 7.61 1.51
CA MET D 32 -7.41 6.27 1.08
C MET D 32 -7.35 6.20 -0.44
N GLY D 33 -8.43 6.62 -1.10
CA GLY D 33 -8.47 6.64 -2.56
C GLY D 33 -7.37 7.49 -3.18
N ASN D 34 -7.14 8.68 -2.63
CA ASN D 34 -6.08 9.55 -3.13
C ASN D 34 -4.66 8.97 -2.98
N GLU D 35 -4.37 8.40 -1.82
CA GLU D 35 -3.08 7.79 -1.52
C GLU D 35 -2.84 6.55 -2.40
N ILE D 36 -3.85 5.70 -2.57
CA ILE D 36 -3.69 4.49 -3.40
C ILE D 36 -3.48 4.85 -4.87
N ASP D 37 -4.22 5.85 -5.36
CA ASP D 37 -4.06 6.31 -6.74
C ASP D 37 -2.67 6.84 -7.02
N THR D 38 -2.12 7.64 -6.10
CA THR D 38 -0.78 8.21 -6.26
C THR D 38 0.30 7.11 -6.22
N GLN D 39 0.11 6.15 -5.33
CA GLN D 39 1.04 5.01 -5.18
C GLN D 39 0.98 4.09 -6.37
N ASN D 40 -0.19 3.92 -6.97
CA ASN D 40 -0.29 3.06 -8.15
C ASN D 40 0.52 3.66 -9.32
N ARG D 41 0.43 4.98 -9.50
CA ARG D 41 1.22 5.67 -10.52
C ARG D 41 2.72 5.55 -10.22
N GLN D 42 3.11 5.69 -8.96
CA GLN D 42 4.50 5.56 -8.55
C GLN D 42 5.03 4.11 -8.80
N ILE D 43 4.21 3.10 -8.48
CA ILE D 43 4.60 1.72 -8.69
C ILE D 43 4.88 1.48 -10.19
N ASP D 44 4.06 2.06 -11.07
CA ASP D 44 4.30 1.95 -12.52
C ASP D 44 5.68 2.48 -12.89
N ARG D 45 6.05 3.64 -12.37
CA ARG D 45 7.38 4.22 -12.64
C ARG D 45 8.47 3.29 -12.11
N ILE D 46 8.30 2.81 -10.87
CA ILE D 46 9.30 1.93 -10.24
C ILE D 46 9.52 0.67 -11.10
N MET D 47 8.44 0.09 -11.61
CA MET D 47 8.52 -1.11 -12.42
C MET D 47 9.33 -0.92 -13.72
N GLU D 48 9.12 0.19 -14.37
CA GLU D 48 9.87 0.53 -15.58
C GLU D 48 11.36 0.72 -15.28
N LYS D 49 11.66 1.38 -14.17
CA LYS D 49 13.02 1.57 -13.71
C LYS D 49 13.67 0.23 -13.33
N ALA D 50 12.93 -0.69 -12.71
CA ALA D 50 13.48 -2.01 -12.35
C ALA D 50 14.00 -2.75 -13.60
N ASP D 51 13.20 -2.77 -14.65
CA ASP D 51 13.56 -3.50 -15.88
C ASP D 51 14.69 -2.83 -16.63
N SER D 52 14.64 -1.51 -16.73
CA SER D 52 15.73 -0.72 -17.31
C SER D 52 17.07 -0.97 -16.62
N ASN D 53 17.03 -0.93 -15.28
CA ASN D 53 18.19 -1.25 -14.48
C ASN D 53 18.71 -2.64 -14.76
N LYS D 54 17.82 -3.63 -14.78
CA LYS D 54 18.21 -5.00 -15.01
C LYS D 54 18.93 -5.12 -16.39
N THR D 55 18.37 -4.47 -17.42
CA THR D 55 18.99 -4.49 -18.76
C THR D 55 20.38 -3.93 -18.74
N ARG D 56 20.50 -2.77 -18.11
CA ARG D 56 21.77 -2.05 -18.01
C ARG D 56 22.82 -2.86 -17.25
N ILE D 57 22.42 -3.51 -16.15
CA ILE D 57 23.30 -4.38 -15.38
C ILE D 57 23.74 -5.58 -16.22
N ASP D 58 22.79 -6.23 -16.89
CA ASP D 58 23.09 -7.43 -17.68
C ASP D 58 24.11 -7.12 -18.81
N GLU D 59 23.99 -5.95 -19.41
CA GLU D 59 24.86 -5.55 -20.54
C GLU D 59 26.26 -5.22 -20.08
N ALA D 60 26.39 -4.56 -18.92
CA ALA D 60 27.71 -4.31 -18.32
C ALA D 60 28.33 -5.62 -17.88
N ASN D 61 27.49 -6.55 -17.41
CA ASN D 61 27.95 -7.82 -16.90
C ASN D 61 28.55 -8.73 -17.99
N GLN D 62 28.16 -8.48 -19.24
CA GLN D 62 28.67 -9.24 -20.39
C GLN D 62 30.03 -8.72 -20.80
N ARG D 63 30.26 -7.42 -20.67
CA ARG D 63 31.59 -6.86 -20.87
C ARG D 63 32.56 -7.45 -19.85
N ALA D 64 32.04 -7.71 -18.65
CA ALA D 64 32.81 -8.22 -17.51
C ALA D 64 32.89 -9.77 -17.41
N THR D 65 32.09 -10.48 -18.19
CA THR D 65 32.19 -11.95 -18.29
C THR D 65 32.91 -12.27 -19.61
#